data_1TX9
#
_entry.id   1TX9
#
_cell.length_a   106.440
_cell.length_b   106.440
_cell.length_c   127.019
_cell.angle_alpha   90.00
_cell.angle_beta   90.00
_cell.angle_gamma   90.00
#
_symmetry.space_group_name_H-M   'P 41 21 2'
#
_entity_poly.entity_id   1
_entity_poly.type   'polypeptide(L)'
_entity_poly.pdbx_seq_one_letter_code
;SQVTEQSVRFQTALASIKLIQASAVLDLTEDDFDFLTSNKVWIATDRSRARRCVEACVYGTLDFVGYPRFPAPVEFIAAV
IAYYVHPVNIQTACLIMEGAEFTENIINGVERPVKAAELFAFTLRVRAGNTDVLTDAEENVRQKLRAEGVM
;
_entity_poly.pdbx_strand_id   A,B
#
# COMPACT_ATOMS: atom_id res chain seq x y z
N VAL A 3 18.66 -6.70 -14.38
CA VAL A 3 17.26 -6.46 -14.84
C VAL A 3 16.29 -7.39 -14.11
N THR A 4 16.80 -8.52 -13.60
CA THR A 4 15.94 -9.45 -12.89
C THR A 4 15.55 -8.70 -11.61
N GLU A 5 16.18 -7.55 -11.40
CA GLU A 5 15.88 -6.72 -10.25
C GLU A 5 14.90 -5.64 -10.71
N GLN A 6 15.25 -4.94 -11.79
CA GLN A 6 14.40 -3.89 -12.34
C GLN A 6 13.08 -4.52 -12.79
N SER A 7 13.06 -5.84 -12.86
CA SER A 7 11.85 -6.55 -13.28
C SER A 7 10.87 -6.68 -12.13
N VAL A 8 11.37 -7.08 -10.97
CA VAL A 8 10.49 -7.24 -9.80
C VAL A 8 9.94 -5.92 -9.29
N ARG A 9 10.68 -4.84 -9.54
CA ARG A 9 10.23 -3.52 -9.13
C ARG A 9 8.95 -3.27 -9.90
N PHE A 10 9.06 -3.38 -11.22
CA PHE A 10 7.93 -3.18 -12.12
C PHE A 10 6.74 -4.00 -11.66
N GLN A 11 6.97 -5.30 -11.48
CA GLN A 11 5.93 -6.21 -11.06
C GLN A 11 5.18 -5.66 -9.86
N THR A 12 5.90 -5.09 -8.89
CA THR A 12 5.27 -4.52 -7.70
C THR A 12 4.49 -3.28 -8.06
N ALA A 13 5.02 -2.51 -9.01
CA ALA A 13 4.37 -1.29 -9.46
C ALA A 13 3.10 -1.69 -10.17
N LEU A 14 3.19 -2.71 -11.00
CA LEU A 14 2.03 -3.20 -11.71
C LEU A 14 1.02 -3.70 -10.71
N ALA A 15 1.48 -4.55 -9.80
CA ALA A 15 0.62 -5.11 -8.78
C ALA A 15 -0.05 -4.00 -7.98
N SER A 16 0.48 -2.78 -8.10
CA SER A 16 -0.09 -1.63 -7.40
C SER A 16 -1.27 -1.03 -8.14
N ILE A 17 -1.11 -0.87 -9.45
CA ILE A 17 -2.18 -0.31 -10.28
C ILE A 17 -3.50 -0.91 -9.82
N LYS A 18 -3.56 -2.24 -9.80
CA LYS A 18 -4.77 -2.93 -9.39
C LYS A 18 -5.26 -2.44 -8.05
N LEU A 19 -4.35 -2.18 -7.12
CA LEU A 19 -4.71 -1.68 -5.80
C LEU A 19 -5.37 -0.32 -5.98
N ILE A 20 -4.76 0.54 -6.80
CA ILE A 20 -5.33 1.86 -7.05
C ILE A 20 -6.68 1.76 -7.73
N GLN A 21 -6.75 1.00 -8.81
CA GLN A 21 -8.01 0.84 -9.52
C GLN A 21 -9.15 0.38 -8.63
N ALA A 22 -8.88 -0.65 -7.81
CA ALA A 22 -9.88 -1.21 -6.91
C ALA A 22 -10.56 -0.21 -5.97
N SER A 23 -9.78 0.63 -5.30
CA SER A 23 -10.37 1.63 -4.40
C SER A 23 -10.22 2.97 -5.06
N ALA A 24 -11.28 3.46 -5.69
CA ALA A 24 -11.19 4.73 -6.36
C ALA A 24 -11.45 5.87 -5.40
N VAL A 25 -11.27 5.60 -4.10
CA VAL A 25 -11.49 6.66 -3.12
C VAL A 25 -10.40 7.72 -3.20
N LEU A 26 -10.82 8.93 -3.53
CA LEU A 26 -9.94 10.07 -3.65
C LEU A 26 -10.57 11.28 -3.00
N ASP A 27 -9.73 12.20 -2.54
CA ASP A 27 -10.15 13.42 -1.88
C ASP A 27 -9.99 14.63 -2.82
N LEU A 28 -10.73 14.62 -3.93
CA LEU A 28 -10.62 15.71 -4.90
C LEU A 28 -11.96 16.03 -5.53
N THR A 29 -12.27 17.32 -5.65
CA THR A 29 -13.50 17.77 -6.30
C THR A 29 -13.40 17.34 -7.76
N GLU A 30 -14.51 17.21 -8.47
CA GLU A 30 -14.40 16.79 -9.86
C GLU A 30 -13.49 17.75 -10.62
N ASP A 31 -13.57 19.02 -10.26
CA ASP A 31 -12.74 20.06 -10.87
C ASP A 31 -11.29 19.67 -10.67
N ASP A 32 -10.91 19.47 -9.41
CA ASP A 32 -9.56 19.09 -9.07
C ASP A 32 -9.10 17.90 -9.86
N PHE A 33 -9.99 16.93 -10.01
CA PHE A 33 -9.64 15.74 -10.75
C PHE A 33 -9.28 16.13 -12.18
N ASP A 34 -10.10 16.97 -12.79
CA ASP A 34 -9.86 17.42 -14.17
C ASP A 34 -8.48 18.06 -14.25
N PHE A 35 -8.13 18.86 -13.25
CA PHE A 35 -6.84 19.53 -13.20
C PHE A 35 -5.70 18.53 -13.19
N LEU A 36 -5.77 17.60 -12.26
CA LEU A 36 -4.75 16.57 -12.10
C LEU A 36 -4.58 15.66 -13.32
N THR A 37 -5.67 15.38 -14.04
CA THR A 37 -5.56 14.50 -15.21
C THR A 37 -5.58 15.22 -16.55
N SER A 38 -5.64 16.55 -16.51
CA SER A 38 -5.66 17.37 -17.72
C SER A 38 -4.40 17.22 -18.55
N ASN A 39 -4.50 17.62 -19.82
CA ASN A 39 -3.38 17.58 -20.75
C ASN A 39 -2.77 18.96 -20.80
N LYS A 40 -3.26 19.84 -19.93
CA LYS A 40 -2.76 21.20 -19.84
C LYS A 40 -1.61 21.20 -18.82
N VAL A 41 -0.50 21.83 -19.18
CA VAL A 41 0.69 21.90 -18.32
C VAL A 41 0.47 22.48 -16.94
N TRP A 42 1.31 22.08 -15.99
CA TRP A 42 1.23 22.60 -14.64
C TRP A 42 2.25 23.70 -14.51
N ILE A 43 1.75 24.93 -14.44
CA ILE A 43 2.60 26.09 -14.30
C ILE A 43 3.28 26.03 -12.94
N ALA A 44 4.27 26.90 -12.76
CA ALA A 44 5.02 26.95 -11.52
C ALA A 44 4.19 27.43 -10.34
N THR A 45 3.05 28.06 -10.60
CA THR A 45 2.20 28.52 -9.51
C THR A 45 1.30 27.38 -9.10
N ASP A 46 0.91 26.55 -10.08
CA ASP A 46 0.03 25.41 -9.85
C ASP A 46 0.69 24.32 -9.00
N ARG A 47 1.93 24.54 -8.59
CA ARG A 47 2.65 23.56 -7.78
C ARG A 47 1.87 23.20 -6.52
N SER A 48 1.40 24.20 -5.78
CA SER A 48 0.66 23.93 -4.56
C SER A 48 -0.53 23.02 -4.84
N ARG A 49 -1.35 23.39 -5.83
CA ARG A 49 -2.49 22.60 -6.19
C ARG A 49 -2.07 21.19 -6.57
N ALA A 50 -1.12 21.08 -7.48
CA ALA A 50 -0.62 19.77 -7.93
C ALA A 50 -0.17 18.89 -6.77
N ARG A 51 0.61 19.49 -5.87
CA ARG A 51 1.12 18.76 -4.71
C ARG A 51 -0.03 18.10 -4.01
N ARG A 52 -1.09 18.85 -3.78
CA ARG A 52 -2.25 18.33 -3.09
C ARG A 52 -2.90 17.21 -3.87
N CYS A 53 -2.99 17.38 -5.19
CA CYS A 53 -3.60 16.38 -6.03
C CYS A 53 -2.81 15.07 -6.15
N VAL A 54 -1.53 15.17 -6.49
CA VAL A 54 -0.74 13.95 -6.61
C VAL A 54 -0.69 13.23 -5.27
N GLU A 55 -0.65 13.98 -4.18
CA GLU A 55 -0.61 13.37 -2.86
C GLU A 55 -1.95 12.75 -2.51
N ALA A 56 -3.04 13.39 -2.91
CA ALA A 56 -4.36 12.86 -2.63
C ALA A 56 -4.56 11.53 -3.32
N CYS A 57 -3.70 11.23 -4.29
CA CYS A 57 -3.81 9.98 -5.01
C CYS A 57 -2.95 8.90 -4.36
N VAL A 58 -1.89 9.32 -3.67
CA VAL A 58 -0.99 8.39 -3.02
C VAL A 58 -1.50 7.97 -1.65
N TYR A 59 -1.73 8.93 -0.76
CA TYR A 59 -2.21 8.61 0.58
C TYR A 59 -3.72 8.47 0.49
N GLY A 60 -4.14 7.82 -0.58
CA GLY A 60 -5.54 7.58 -0.88
C GLY A 60 -6.63 7.78 0.17
N THR A 61 -7.28 6.69 0.51
CA THR A 61 -8.36 6.72 1.47
C THR A 61 -7.88 7.40 2.74
N LEU A 62 -6.57 7.43 2.92
CA LEU A 62 -6.00 8.06 4.11
C LEU A 62 -6.38 9.52 4.28
N ASP A 63 -6.57 10.23 3.17
CA ASP A 63 -6.91 11.64 3.25
C ASP A 63 -8.38 11.90 3.18
N PHE A 64 -9.10 10.99 2.55
CA PHE A 64 -10.54 11.13 2.42
C PHE A 64 -11.09 11.25 3.82
N VAL A 65 -10.59 10.38 4.69
CA VAL A 65 -10.99 10.36 6.08
C VAL A 65 -9.88 11.16 6.71
N GLY A 66 -9.79 11.16 8.04
CA GLY A 66 -8.71 11.89 8.70
C GLY A 66 -7.40 11.12 8.57
N TYR A 67 -7.09 10.33 9.59
CA TYR A 67 -5.88 9.51 9.63
C TYR A 67 -4.60 10.19 9.14
N PRO A 68 -3.51 10.01 9.89
CA PRO A 68 -2.21 10.60 9.53
C PRO A 68 -1.70 10.02 8.22
N ARG A 69 -0.62 10.57 7.71
CA ARG A 69 -0.05 10.07 6.46
C ARG A 69 1.21 9.30 6.83
N PHE A 70 1.62 8.38 5.97
CA PHE A 70 2.83 7.62 6.21
C PHE A 70 3.46 7.26 4.88
N PRO A 71 4.79 7.39 4.80
CA PRO A 71 5.61 7.11 3.61
C PRO A 71 5.16 5.94 2.77
N ALA A 72 5.06 6.19 1.47
CA ALA A 72 4.64 5.16 0.55
C ALA A 72 5.83 4.71 -0.27
N PRO A 73 5.79 3.47 -0.78
CA PRO A 73 6.89 2.92 -1.58
C PRO A 73 6.86 3.53 -2.98
N VAL A 74 8.04 3.68 -3.59
CA VAL A 74 8.17 4.23 -4.93
C VAL A 74 7.32 3.46 -5.92
N GLU A 75 7.43 2.14 -5.91
CA GLU A 75 6.63 1.35 -6.82
C GLU A 75 5.17 1.80 -6.79
N PHE A 76 4.68 2.18 -5.61
CA PHE A 76 3.28 2.59 -5.47
C PHE A 76 3.01 4.01 -5.92
N ILE A 77 4.03 4.86 -5.81
CA ILE A 77 3.91 6.26 -6.22
C ILE A 77 4.04 6.28 -7.72
N ALA A 78 5.09 5.62 -8.21
CA ALA A 78 5.33 5.55 -9.63
C ALA A 78 4.10 5.01 -10.31
N ALA A 79 3.40 4.10 -9.63
CA ALA A 79 2.20 3.51 -10.19
C ALA A 79 1.10 4.55 -10.29
N VAL A 80 0.97 5.36 -9.24
CA VAL A 80 -0.02 6.41 -9.20
C VAL A 80 0.17 7.42 -10.34
N ILE A 81 1.38 7.92 -10.48
CA ILE A 81 1.66 8.89 -11.52
C ILE A 81 1.37 8.34 -12.91
N ALA A 82 1.85 7.14 -13.18
CA ALA A 82 1.65 6.50 -14.47
C ALA A 82 0.17 6.40 -14.82
N TYR A 83 -0.63 6.23 -13.78
CA TYR A 83 -2.07 6.08 -13.92
C TYR A 83 -2.80 7.41 -14.09
N TYR A 84 -2.75 8.29 -13.09
CA TYR A 84 -3.47 9.57 -13.13
C TYR A 84 -2.88 10.68 -13.99
N VAL A 85 -1.64 11.05 -13.70
CA VAL A 85 -0.92 12.12 -14.40
C VAL A 85 -0.73 11.99 -15.91
N HIS A 86 -0.79 13.12 -16.62
CA HIS A 86 -0.61 13.13 -18.07
C HIS A 86 0.87 13.31 -18.41
N PRO A 87 1.35 12.67 -19.48
CA PRO A 87 2.74 12.79 -19.88
C PRO A 87 3.29 14.18 -19.75
N VAL A 88 2.45 15.18 -19.95
CA VAL A 88 2.94 16.53 -19.84
C VAL A 88 3.41 16.92 -18.45
N ASN A 89 2.65 16.57 -17.43
CA ASN A 89 3.01 16.93 -16.07
C ASN A 89 3.75 15.85 -15.30
N ILE A 90 3.68 14.60 -15.77
CA ILE A 90 4.34 13.52 -15.08
C ILE A 90 5.67 13.89 -14.49
N GLN A 91 6.52 14.56 -15.27
CA GLN A 91 7.83 14.93 -14.74
C GLN A 91 7.74 15.77 -13.50
N THR A 92 6.99 16.87 -13.55
CA THR A 92 6.90 17.73 -12.36
C THR A 92 6.34 16.91 -11.21
N ALA A 93 5.50 15.93 -11.52
CA ALA A 93 4.92 15.08 -10.49
C ALA A 93 6.04 14.37 -9.75
N CYS A 94 6.94 13.75 -10.51
CA CYS A 94 8.07 13.04 -9.95
C CYS A 94 8.95 14.01 -9.18
N LEU A 95 9.02 15.21 -9.71
CA LEU A 95 9.80 16.27 -9.08
C LEU A 95 9.18 16.50 -7.71
N ILE A 96 7.85 16.55 -7.68
CA ILE A 96 7.12 16.75 -6.44
C ILE A 96 7.35 15.61 -5.47
N MET A 97 7.14 14.38 -5.96
CA MET A 97 7.28 13.19 -5.16
C MET A 97 8.69 12.59 -5.05
N GLU A 98 9.71 13.39 -5.32
CA GLU A 98 11.08 12.91 -5.23
C GLU A 98 11.35 12.60 -3.76
N GLY A 99 12.35 11.76 -3.49
CA GLY A 99 12.69 11.45 -2.11
C GLY A 99 12.12 10.16 -1.56
N ALA A 100 11.15 9.58 -2.25
CA ALA A 100 10.54 8.33 -1.79
C ALA A 100 11.58 7.22 -1.80
N GLU A 101 11.23 6.06 -1.24
CA GLU A 101 12.16 4.93 -1.21
C GLU A 101 11.55 3.70 -1.83
N PHE A 102 12.38 2.82 -2.39
CA PHE A 102 11.84 1.59 -2.99
C PHE A 102 11.52 0.61 -1.90
N THR A 103 10.65 -0.35 -2.22
CA THR A 103 10.24 -1.35 -1.26
C THR A 103 11.40 -1.99 -0.50
N GLU A 104 12.36 -2.52 -1.25
CA GLU A 104 13.53 -3.16 -0.66
C GLU A 104 14.05 -2.31 0.49
N ASN A 105 14.57 -1.13 0.18
CA ASN A 105 15.14 -0.20 1.18
C ASN A 105 14.17 0.11 2.31
N ILE A 106 12.88 0.04 2.05
CA ILE A 106 11.89 0.32 3.07
C ILE A 106 11.94 -0.80 4.08
N ILE A 107 12.19 -2.00 3.59
CA ILE A 107 12.26 -3.19 4.41
C ILE A 107 13.52 -3.34 5.28
N ASN A 108 14.70 -3.16 4.68
CA ASN A 108 15.95 -3.30 5.43
C ASN A 108 16.47 -2.04 6.12
N GLY A 109 15.81 -0.91 5.91
CA GLY A 109 16.26 0.31 6.56
C GLY A 109 17.56 0.82 6.00
N VAL A 110 17.58 1.06 4.70
CA VAL A 110 18.76 1.56 4.02
C VAL A 110 18.33 2.83 3.25
N GLU A 111 18.30 3.94 3.98
CA GLU A 111 17.87 5.21 3.38
C GLU A 111 18.44 5.47 1.99
N ARG A 112 17.68 5.13 0.96
CA ARG A 112 18.13 5.40 -0.39
C ARG A 112 17.12 6.23 -1.14
N PRO A 113 16.98 7.52 -0.77
CA PRO A 113 16.03 8.41 -1.42
C PRO A 113 16.14 8.29 -2.94
N VAL A 114 15.02 8.15 -3.62
CA VAL A 114 15.02 8.05 -5.07
C VAL A 114 14.62 9.39 -5.66
N LYS A 115 15.62 10.21 -5.95
CA LYS A 115 15.40 11.53 -6.51
C LYS A 115 14.56 11.55 -7.80
N ALA A 116 14.03 12.74 -8.10
CA ALA A 116 13.18 12.96 -9.26
C ALA A 116 13.61 12.29 -10.56
N ALA A 117 14.83 12.58 -10.99
CA ALA A 117 15.37 12.01 -12.22
C ALA A 117 15.06 10.52 -12.27
N GLU A 118 15.56 9.76 -11.30
CA GLU A 118 15.33 8.32 -11.25
C GLU A 118 13.83 7.99 -11.22
N LEU A 119 13.10 8.65 -10.34
CA LEU A 119 11.67 8.44 -10.21
C LEU A 119 11.09 8.60 -11.60
N PHE A 120 11.34 9.75 -12.20
CA PHE A 120 10.83 10.04 -13.53
C PHE A 120 11.09 8.93 -14.54
N ALA A 121 12.33 8.47 -14.59
CA ALA A 121 12.71 7.42 -15.53
C ALA A 121 11.90 6.15 -15.34
N PHE A 122 11.78 5.72 -14.09
CA PHE A 122 11.07 4.51 -13.68
C PHE A 122 9.56 4.58 -13.89
N THR A 123 8.94 5.66 -13.41
CA THR A 123 7.49 5.79 -13.55
C THR A 123 7.10 5.85 -15.00
N LEU A 124 8.02 6.29 -15.85
CA LEU A 124 7.69 6.38 -17.26
C LEU A 124 7.68 4.99 -17.88
N ARG A 125 8.52 4.11 -17.34
CA ARG A 125 8.59 2.76 -17.86
C ARG A 125 7.41 2.00 -17.28
N VAL A 126 6.96 2.41 -16.10
CA VAL A 126 5.82 1.75 -15.49
C VAL A 126 4.62 2.01 -16.39
N ARG A 127 4.39 3.29 -16.69
CA ARG A 127 3.30 3.72 -17.53
C ARG A 127 3.42 3.03 -18.88
N ALA A 128 4.63 3.05 -19.40
CA ALA A 128 4.90 2.45 -20.69
C ALA A 128 4.33 1.04 -20.83
N GLY A 129 4.38 0.25 -19.75
CA GLY A 129 3.89 -1.10 -19.85
C GLY A 129 2.76 -1.47 -18.90
N ASN A 130 1.53 -1.45 -19.40
CA ASN A 130 0.35 -1.79 -18.59
C ASN A 130 -0.95 -1.45 -19.32
N THR A 131 -1.45 -2.42 -20.07
CA THR A 131 -2.68 -2.29 -20.83
C THR A 131 -3.91 -2.21 -19.95
N ASP A 132 -4.09 -3.23 -19.10
CA ASP A 132 -5.24 -3.31 -18.18
C ASP A 132 -5.22 -2.17 -17.16
N VAL A 133 -4.51 -1.13 -17.55
CA VAL A 133 -4.37 0.08 -16.78
C VAL A 133 -4.73 1.13 -17.80
N LEU A 134 -5.51 2.11 -17.37
CA LEU A 134 -5.96 3.21 -18.20
C LEU A 134 -7.13 3.76 -17.42
N THR A 135 -7.50 5.02 -17.63
CA THR A 135 -8.62 5.57 -16.88
C THR A 135 -9.97 5.49 -17.61
N ASP A 136 -11.03 5.42 -16.81
CA ASP A 136 -12.42 5.37 -17.26
C ASP A 136 -13.32 6.41 -16.50
N ALA A 137 -14.62 6.11 -16.36
CA ALA A 137 -15.57 7.05 -15.72
C ALA A 137 -16.18 6.64 -14.37
N GLU A 138 -16.02 5.39 -13.97
CA GLU A 138 -16.58 4.96 -12.68
C GLU A 138 -15.59 5.46 -11.63
N GLU A 139 -15.10 6.67 -11.88
CA GLU A 139 -14.15 7.37 -11.01
C GLU A 139 -14.67 8.75 -10.65
N ASN A 140 -15.24 9.46 -11.61
CA ASN A 140 -15.78 10.78 -11.35
C ASN A 140 -17.00 10.64 -10.43
N VAL A 141 -16.76 10.13 -9.22
CA VAL A 141 -17.84 9.95 -8.26
C VAL A 141 -17.39 10.34 -6.85
N ARG A 142 -16.39 11.21 -6.79
CA ARG A 142 -15.86 11.72 -5.53
C ARG A 142 -15.64 13.22 -5.68
N GLN A 143 -16.03 13.97 -4.65
CA GLN A 143 -15.89 15.44 -4.63
C GLN A 143 -15.43 16.00 -3.28
N GLU B 5 15.51 -16.56 4.19
CA GLU B 5 15.41 -16.38 5.67
C GLU B 5 14.04 -15.85 6.08
N GLN B 6 13.66 -14.74 5.46
CA GLN B 6 12.37 -14.09 5.69
C GLN B 6 11.47 -14.61 4.60
N SER B 7 12.08 -14.83 3.43
CA SER B 7 11.36 -15.36 2.29
C SER B 7 10.52 -16.52 2.81
N VAL B 8 11.20 -17.40 3.53
CA VAL B 8 10.59 -18.56 4.14
C VAL B 8 9.57 -18.14 5.18
N ARG B 9 10.00 -17.29 6.11
CA ARG B 9 9.10 -16.83 7.15
C ARG B 9 7.81 -16.35 6.54
N PHE B 10 7.86 -15.92 5.28
CA PHE B 10 6.64 -15.54 4.60
C PHE B 10 6.16 -16.95 4.27
N GLN B 11 6.07 -17.32 2.99
CA GLN B 11 5.68 -18.69 2.60
C GLN B 11 4.90 -19.49 3.67
N THR B 12 5.57 -19.79 4.78
CA THR B 12 4.98 -20.50 5.92
C THR B 12 3.71 -19.80 6.37
N ALA B 13 3.67 -18.48 6.21
CA ALA B 13 2.52 -17.69 6.60
C ALA B 13 1.48 -17.65 5.49
N LEU B 14 1.92 -17.40 4.26
CA LEU B 14 1.00 -17.37 3.14
C LEU B 14 0.30 -18.70 3.02
N ALA B 15 1.09 -19.77 3.13
CA ALA B 15 0.58 -21.12 3.05
C ALA B 15 -0.38 -21.38 4.20
N SER B 16 -0.17 -20.69 5.31
CA SER B 16 -1.06 -20.85 6.44
C SER B 16 -2.38 -20.18 6.13
N ILE B 17 -2.31 -18.93 5.69
CA ILE B 17 -3.54 -18.22 5.36
C ILE B 17 -4.33 -19.02 4.30
N LYS B 18 -3.71 -19.29 3.16
CA LYS B 18 -4.38 -20.03 2.11
C LYS B 18 -5.12 -21.26 2.62
N LEU B 19 -4.60 -21.84 3.69
CA LEU B 19 -5.18 -23.06 4.25
C LEU B 19 -6.33 -22.84 5.22
N ILE B 20 -6.35 -21.68 5.88
CA ILE B 20 -7.40 -21.39 6.83
C ILE B 20 -8.79 -21.32 6.20
N GLN B 21 -8.84 -20.90 4.94
CA GLN B 21 -10.11 -20.78 4.24
C GLN B 21 -10.76 -22.12 4.04
N ALA B 22 -11.11 -22.76 5.16
CA ALA B 22 -11.75 -24.08 5.15
C ALA B 22 -11.60 -24.74 6.51
N SER B 23 -10.67 -25.71 6.56
CA SER B 23 -10.33 -26.51 7.73
C SER B 23 -10.64 -25.85 9.08
N ALA B 24 -10.15 -24.63 9.27
CA ALA B 24 -10.38 -23.88 10.50
C ALA B 24 -11.23 -22.66 10.22
N VAL B 25 -11.54 -21.94 11.28
CA VAL B 25 -12.33 -20.73 11.15
C VAL B 25 -11.82 -19.82 12.24
N LEU B 26 -11.91 -18.53 11.99
CA LEU B 26 -11.41 -17.57 12.95
C LEU B 26 -12.52 -17.04 13.85
N ASP B 27 -12.14 -16.32 14.91
CA ASP B 27 -13.11 -15.74 15.84
C ASP B 27 -13.75 -14.56 15.11
N LEU B 28 -14.53 -14.88 14.08
CA LEU B 28 -15.16 -13.84 13.29
C LEU B 28 -16.60 -14.09 12.85
N THR B 29 -17.48 -13.23 13.34
CA THR B 29 -18.88 -13.29 13.00
C THR B 29 -19.01 -12.75 11.59
N GLU B 30 -19.87 -13.34 10.78
CA GLU B 30 -20.06 -12.87 9.42
C GLU B 30 -20.14 -11.35 9.34
N ASP B 31 -20.41 -10.70 10.46
CA ASP B 31 -20.46 -9.23 10.49
C ASP B 31 -19.04 -8.74 10.42
N ASP B 32 -18.27 -8.99 11.47
CA ASP B 32 -16.88 -8.57 11.54
C ASP B 32 -16.15 -8.92 10.27
N PHE B 33 -16.53 -10.02 9.65
CA PHE B 33 -15.88 -10.44 8.42
C PHE B 33 -16.26 -9.53 7.27
N ASP B 34 -17.55 -9.28 7.07
CA ASP B 34 -17.97 -8.38 6.00
C ASP B 34 -17.26 -7.06 6.28
N PHE B 35 -17.23 -6.68 7.57
CA PHE B 35 -16.59 -5.44 7.98
C PHE B 35 -15.13 -5.34 7.53
N LEU B 36 -14.34 -6.37 7.84
CA LEU B 36 -12.93 -6.37 7.50
C LEU B 36 -12.65 -6.50 6.01
N THR B 37 -13.43 -7.31 5.30
CA THR B 37 -13.21 -7.53 3.89
C THR B 37 -13.91 -6.63 2.90
N SER B 38 -15.03 -6.03 3.28
CA SER B 38 -15.75 -5.16 2.34
C SER B 38 -14.95 -3.95 1.87
N ASN B 39 -15.48 -3.24 0.87
CA ASN B 39 -14.81 -2.07 0.36
C ASN B 39 -15.27 -0.82 1.06
N LYS B 40 -16.19 -0.99 2.02
CA LYS B 40 -16.72 0.16 2.75
C LYS B 40 -15.67 0.84 3.64
N VAL B 41 -15.23 2.03 3.24
CA VAL B 41 -14.23 2.80 3.98
C VAL B 41 -14.34 2.66 5.49
N TRP B 42 -13.18 2.47 6.14
CA TRP B 42 -13.10 2.34 7.60
C TRP B 42 -13.08 3.74 8.20
N ILE B 43 -14.22 4.20 8.70
CA ILE B 43 -14.28 5.53 9.27
C ILE B 43 -13.43 5.59 10.53
N ALA B 44 -12.85 6.76 10.78
CA ALA B 44 -12.00 7.03 11.93
C ALA B 44 -12.27 6.12 13.11
N THR B 45 -13.38 6.38 13.81
CA THR B 45 -13.79 5.61 14.97
C THR B 45 -13.54 4.11 14.84
N ASP B 46 -13.87 3.53 13.68
CA ASP B 46 -13.71 2.10 13.46
C ASP B 46 -12.34 1.52 13.82
N ARG B 47 -11.37 2.39 14.13
CA ARG B 47 -10.02 1.96 14.49
C ARG B 47 -9.98 0.73 15.37
N SER B 48 -10.54 0.85 16.57
CA SER B 48 -10.56 -0.25 17.52
C SER B 48 -11.01 -1.56 16.90
N ARG B 49 -12.11 -1.52 16.16
CA ARG B 49 -12.63 -2.74 15.55
C ARG B 49 -11.76 -3.29 14.45
N ALA B 50 -11.20 -2.44 13.62
CA ALA B 50 -10.35 -2.94 12.56
C ALA B 50 -9.20 -3.67 13.25
N ARG B 51 -8.48 -2.97 14.12
CA ARG B 51 -7.39 -3.61 14.80
C ARG B 51 -7.81 -4.98 15.26
N ARG B 52 -8.87 -5.06 16.05
CA ARG B 52 -9.31 -6.34 16.59
C ARG B 52 -9.59 -7.45 15.60
N CYS B 53 -9.84 -7.12 14.33
CA CYS B 53 -10.09 -8.15 13.35
C CYS B 53 -8.76 -8.58 12.80
N VAL B 54 -7.97 -7.62 12.37
CA VAL B 54 -6.65 -7.91 11.85
C VAL B 54 -5.91 -8.80 12.86
N GLU B 55 -6.14 -8.55 14.15
CA GLU B 55 -5.49 -9.33 15.20
C GLU B 55 -6.08 -10.72 15.21
N ALA B 56 -7.40 -10.76 15.22
CA ALA B 56 -8.14 -12.01 15.22
C ALA B 56 -7.56 -12.98 14.21
N CYS B 57 -7.20 -12.46 13.05
CA CYS B 57 -6.62 -13.28 12.01
C CYS B 57 -5.16 -13.54 12.35
N VAL B 58 -4.37 -12.47 12.42
CA VAL B 58 -2.94 -12.58 12.74
C VAL B 58 -2.66 -13.60 13.82
N TYR B 59 -3.21 -13.40 15.01
CA TYR B 59 -2.96 -14.36 16.08
C TYR B 59 -3.62 -15.67 15.73
N GLY B 60 -4.89 -15.60 15.34
CA GLY B 60 -5.61 -16.80 14.96
C GLY B 60 -4.76 -17.64 14.02
N THR B 61 -4.43 -17.11 12.84
CA THR B 61 -3.60 -17.84 11.90
C THR B 61 -2.42 -18.43 12.66
N LEU B 62 -1.79 -17.63 13.52
CA LEU B 62 -0.66 -18.11 14.28
C LEU B 62 -1.03 -19.33 15.09
N ASP B 63 -1.98 -19.18 16.00
CA ASP B 63 -2.40 -20.32 16.81
C ASP B 63 -2.58 -21.58 15.97
N PHE B 64 -3.14 -21.40 14.78
CA PHE B 64 -3.41 -22.51 13.86
C PHE B 64 -2.20 -22.91 13.04
N VAL B 65 -1.05 -23.02 13.69
CA VAL B 65 0.18 -23.41 13.02
C VAL B 65 1.08 -23.88 14.14
N GLY B 66 0.79 -23.37 15.33
CA GLY B 66 1.56 -23.75 16.49
C GLY B 66 2.63 -22.73 16.85
N TYR B 67 2.60 -21.59 16.18
CA TYR B 67 3.57 -20.56 16.47
C TYR B 67 3.11 -19.74 17.66
N PRO B 68 4.05 -19.31 18.50
CA PRO B 68 3.67 -18.52 19.66
C PRO B 68 3.14 -17.20 19.14
N ARG B 69 2.40 -16.47 19.97
CA ARG B 69 1.88 -15.18 19.53
C ARG B 69 2.34 -14.04 20.44
N PHE B 70 3.58 -14.13 20.91
CA PHE B 70 4.10 -13.07 21.76
C PHE B 70 4.41 -11.99 20.73
N PRO B 71 5.59 -11.99 20.09
CA PRO B 71 5.64 -10.88 19.14
C PRO B 71 4.97 -11.40 17.89
N ALA B 72 4.02 -10.65 17.35
CA ALA B 72 3.37 -11.11 16.13
C ALA B 72 4.40 -10.92 15.03
N PRO B 73 4.65 -11.98 14.25
CA PRO B 73 5.61 -11.99 13.16
C PRO B 73 5.17 -10.97 12.12
N VAL B 74 6.11 -10.15 11.65
CA VAL B 74 5.77 -9.16 10.65
C VAL B 74 5.06 -9.82 9.47
N GLU B 75 5.71 -10.82 8.89
CA GLU B 75 5.16 -11.54 7.75
C GLU B 75 3.68 -11.90 7.87
N PHE B 76 3.22 -12.19 9.08
CA PHE B 76 1.83 -12.55 9.25
C PHE B 76 0.93 -11.36 9.21
N ILE B 77 1.36 -10.25 9.78
CA ILE B 77 0.50 -9.08 9.73
C ILE B 77 0.40 -8.67 8.26
N ALA B 78 1.53 -8.64 7.56
CA ALA B 78 1.52 -8.27 6.15
C ALA B 78 0.60 -9.21 5.40
N ALA B 79 0.81 -10.52 5.52
CA ALA B 79 -0.07 -11.48 4.84
C ALA B 79 -1.54 -11.25 5.24
N VAL B 80 -1.84 -11.34 6.54
CA VAL B 80 -3.21 -11.12 7.02
C VAL B 80 -3.80 -9.83 6.46
N ILE B 81 -2.96 -8.85 6.14
CA ILE B 81 -3.48 -7.60 5.59
C ILE B 81 -3.73 -7.78 4.12
N ALA B 82 -2.68 -8.09 3.38
CA ALA B 82 -2.75 -8.27 1.94
C ALA B 82 -3.95 -9.09 1.55
N TYR B 83 -3.98 -10.30 2.10
CA TYR B 83 -5.03 -11.26 1.84
C TYR B 83 -6.44 -10.78 2.19
N TYR B 84 -6.72 -10.53 3.46
CA TYR B 84 -8.05 -10.10 3.90
C TYR B 84 -8.53 -8.68 3.58
N VAL B 85 -7.71 -7.68 3.91
CA VAL B 85 -8.09 -6.28 3.70
C VAL B 85 -8.30 -5.85 2.25
N HIS B 86 -9.32 -5.02 2.03
CA HIS B 86 -9.65 -4.51 0.70
C HIS B 86 -8.85 -3.24 0.48
N PRO B 87 -8.35 -3.01 -0.74
CA PRO B 87 -7.57 -1.82 -1.08
C PRO B 87 -8.08 -0.49 -0.48
N VAL B 88 -9.38 -0.41 -0.28
CA VAL B 88 -9.96 0.79 0.28
C VAL B 88 -9.40 1.02 1.68
N ASN B 89 -8.96 -0.06 2.32
CA ASN B 89 -8.46 0.05 3.68
C ASN B 89 -7.01 -0.39 3.93
N ILE B 90 -6.40 -1.07 2.97
CA ILE B 90 -5.03 -1.52 3.16
C ILE B 90 -4.17 -0.54 3.92
N GLN B 91 -3.76 0.54 3.27
CA GLN B 91 -2.93 1.55 3.90
C GLN B 91 -3.36 1.87 5.32
N THR B 92 -4.62 2.28 5.47
CA THR B 92 -5.11 2.62 6.79
C THR B 92 -4.98 1.47 7.76
N ALA B 93 -5.09 0.25 7.25
CA ALA B 93 -4.99 -0.93 8.09
C ALA B 93 -3.59 -1.06 8.66
N CYS B 94 -2.59 -0.66 7.87
CA CYS B 94 -1.19 -0.73 8.27
C CYS B 94 -0.93 0.24 9.37
N LEU B 95 -1.32 1.47 9.14
CA LEU B 95 -1.14 2.51 10.12
C LEU B 95 -1.91 2.14 11.40
N ILE B 96 -2.88 1.25 11.28
CA ILE B 96 -3.64 0.83 12.44
C ILE B 96 -2.85 -0.22 13.16
N MET B 97 -2.28 -1.17 12.42
CA MET B 97 -1.49 -2.22 13.05
C MET B 97 -0.23 -1.68 13.67
N GLU B 98 0.35 -0.61 13.09
CA GLU B 98 1.55 -0.01 13.66
C GLU B 98 1.17 0.28 15.09
N GLY B 99 -0.06 0.76 15.25
CA GLY B 99 -0.62 1.10 16.54
C GLY B 99 -0.56 -0.04 17.53
N ALA B 100 -0.46 -1.26 17.02
CA ALA B 100 -0.29 -2.40 17.88
C ALA B 100 1.22 -2.68 17.72
N GLU B 101 2.00 -1.76 18.29
CA GLU B 101 3.46 -1.84 18.26
C GLU B 101 3.87 -2.87 19.29
N PHE B 102 3.81 -4.14 18.88
CA PHE B 102 4.16 -5.29 19.75
C PHE B 102 5.66 -5.63 19.79
N THR B 103 6.27 -5.78 18.61
CA THR B 103 7.69 -6.10 18.48
C THR B 103 8.44 -4.97 17.79
N GLU B 104 9.70 -4.79 18.18
CA GLU B 104 10.55 -3.74 17.62
C GLU B 104 11.19 -4.23 16.32
N ASN B 105 10.36 -4.45 15.31
CA ASN B 105 10.76 -4.91 13.97
C ASN B 105 12.29 -4.90 13.78
N ILE B 106 12.89 -6.08 13.92
CA ILE B 106 14.34 -6.25 13.76
C ILE B 106 14.82 -5.74 12.39
N ILE B 107 15.55 -4.62 12.41
CA ILE B 107 16.11 -4.02 11.20
C ILE B 107 17.54 -3.53 11.50
N ASN B 108 18.52 -4.40 11.23
CA ASN B 108 19.94 -4.14 11.46
C ASN B 108 20.24 -4.37 12.95
N GLY B 109 19.73 -5.47 13.48
CA GLY B 109 19.95 -5.81 14.88
C GLY B 109 19.21 -4.90 15.86
N VAL B 110 19.02 -3.64 15.49
CA VAL B 110 18.33 -2.68 16.37
C VAL B 110 16.83 -2.96 16.54
N GLU B 111 16.39 -2.92 17.80
CA GLU B 111 15.00 -3.18 18.19
C GLU B 111 14.07 -1.99 17.85
N ARG B 112 13.75 -1.87 16.57
CA ARG B 112 12.90 -0.80 16.06
C ARG B 112 11.47 -1.30 15.74
N PRO B 113 10.45 -0.66 16.31
CA PRO B 113 9.03 -1.02 16.11
C PRO B 113 8.68 -1.45 14.72
N VAL B 114 7.46 -1.94 14.54
CA VAL B 114 6.98 -2.37 13.24
C VAL B 114 6.21 -1.22 12.62
N LYS B 115 6.93 -0.19 12.18
CA LYS B 115 6.30 0.98 11.59
C LYS B 115 5.34 0.62 10.47
N ALA B 116 4.22 1.35 10.41
CA ALA B 116 3.21 1.10 9.40
C ALA B 116 3.79 1.20 8.01
N ALA B 117 4.72 2.13 7.86
CA ALA B 117 5.39 2.38 6.59
C ALA B 117 5.89 1.12 5.86
N GLU B 118 6.53 0.22 6.61
CA GLU B 118 7.06 -1.01 6.03
C GLU B 118 5.99 -2.09 5.86
N LEU B 119 4.97 -2.05 6.71
CA LEU B 119 3.89 -3.02 6.62
C LEU B 119 3.25 -2.94 5.24
N PHE B 120 3.14 -1.72 4.72
CA PHE B 120 2.55 -1.51 3.43
C PHE B 120 3.47 -2.13 2.38
N ALA B 121 4.74 -1.78 2.47
CA ALA B 121 5.73 -2.29 1.54
C ALA B 121 5.62 -3.80 1.48
N PHE B 122 5.38 -4.42 2.62
CA PHE B 122 5.26 -5.87 2.63
C PHE B 122 4.00 -6.35 1.93
N THR B 123 2.86 -5.94 2.45
CA THR B 123 1.58 -6.33 1.86
C THR B 123 1.56 -6.04 0.37
N LEU B 124 2.20 -4.95 -0.02
CA LEU B 124 2.23 -4.56 -1.41
C LEU B 124 2.98 -5.54 -2.28
N ARG B 125 3.93 -6.26 -1.67
CA ARG B 125 4.73 -7.26 -2.36
C ARG B 125 3.98 -8.58 -2.41
N VAL B 126 3.43 -8.95 -1.26
CA VAL B 126 2.66 -10.16 -1.12
C VAL B 126 1.70 -10.19 -2.30
N ARG B 127 0.83 -9.19 -2.35
CA ARG B 127 -0.15 -9.07 -3.42
C ARG B 127 0.54 -9.11 -4.77
N ALA B 128 1.71 -8.49 -4.86
CA ALA B 128 2.46 -8.43 -6.09
C ALA B 128 2.91 -9.81 -6.51
N GLY B 129 3.11 -10.68 -5.53
CA GLY B 129 3.54 -12.03 -5.83
C GLY B 129 4.97 -12.31 -5.45
N ASN B 130 5.79 -11.25 -5.42
CA ASN B 130 7.21 -11.36 -5.09
C ASN B 130 7.43 -12.11 -3.79
N THR B 131 8.02 -11.44 -2.81
CA THR B 131 8.28 -12.06 -1.51
C THR B 131 9.50 -12.97 -1.60
N ASP B 132 10.13 -12.99 -2.77
CA ASP B 132 11.35 -13.75 -2.97
C ASP B 132 12.38 -12.61 -2.88
N VAL B 133 12.12 -11.80 -1.85
CA VAL B 133 12.90 -10.61 -1.47
C VAL B 133 14.25 -11.10 -1.02
N LEU B 134 15.21 -10.18 -0.96
CA LEU B 134 16.57 -10.47 -0.57
C LEU B 134 17.34 -11.16 -1.69
#